data_9D5R
#
_entry.id   9D5R
#
_cell.length_a   56.411
_cell.length_b   59.778
_cell.length_c   78.317
_cell.angle_alpha   90.00
_cell.angle_beta   90.00
_cell.angle_gamma   90.00
#
_symmetry.space_group_name_H-M   'P 2 21 21'
#
loop_
_entity.id
_entity.type
_entity.pdbx_description
1 polymer 'Carbapenem-hydrolyzing beta-lactamase KPC'
2 non-polymer '{[7-bromo-1-(cyclopentylmethyl)-3-methyl-2-oxo-1,2-dihydroquinolin-4-yl]methyl}phosphonic acid'
3 non-polymer 'SULFATE ION'
4 non-polymer GLYCEROL
5 water water
#
_entity_poly.entity_id   1
_entity_poly.type   'polypeptide(L)'
_entity_poly.pdbx_seq_one_letter_code
;MGSSHHHHHHSSGLVPRGSHMLTNLVAEPFAKLEQDFGGSIGVYAMDTGSGATVSYRAEERFPLCSSFKGFLAAAVLARS
QQQAGLLDTPIRYGKNALVPWSPISEKYLTTGMTVAELSAAAVQYSDNAAANLLLKELGGPAGLTAFMRSIGDTTFRLDR
WELELNSAIPGDARDTSSPRAVTESLQKLTLGSALAAPQRQQFVDWLKGNTTGNHRIRAAVPADWAVGDKTGTCGVYGTA
NDYAVVWPTGRAPIVLAVYTRAPNKDDKHSEAVIAAAARLALEGLGVNGQ
;
_entity_poly.pdbx_strand_id   A
#
loop_
_chem_comp.id
_chem_comp.type
_chem_comp.name
_chem_comp.formula
A1A14 non-polymer '{[7-bromo-1-(cyclopentylmethyl)-3-methyl-2-oxo-1,2-dihydroquinolin-4-yl]methyl}phosphonic acid' 'C17 H21 Br N O4 P'
GOL non-polymer GLYCEROL 'C3 H8 O3'
SO4 non-polymer 'SULFATE ION' 'O4 S -2'
#
# COMPACT_ATOMS: atom_id res chain seq x y z
N HIS A 20 -3.48 -13.10 22.41
CA HIS A 20 -3.26 -13.05 20.92
C HIS A 20 -2.62 -11.69 20.52
N MET A 21 -1.88 -11.08 21.46
CA MET A 21 -0.77 -10.13 21.15
C MET A 21 0.55 -10.92 21.26
N LEU A 22 1.05 -11.32 20.09
CA LEU A 22 2.29 -12.11 19.90
C LEU A 22 3.45 -11.12 19.66
N THR A 23 3.17 -9.83 19.86
CA THR A 23 4.07 -8.66 19.69
C THR A 23 5.41 -8.86 20.43
N ASN A 24 5.44 -9.66 21.51
CA ASN A 24 6.61 -9.86 22.43
C ASN A 24 7.50 -11.01 21.95
N LEU A 25 6.97 -12.02 21.24
CA LEU A 25 7.83 -13.04 20.62
C LEU A 25 8.91 -12.36 19.77
N VAL A 26 8.65 -11.17 19.21
CA VAL A 26 9.50 -10.59 18.13
C VAL A 26 9.82 -9.10 18.38
N ALA A 27 9.42 -8.51 19.51
CA ALA A 27 9.71 -7.09 19.85
C ALA A 27 11.24 -6.82 19.84
N GLU A 28 12.06 -7.71 20.42
N GLU A 28 12.04 -7.72 20.45
CA GLU A 28 13.53 -7.47 20.50
CA GLU A 28 13.52 -7.58 20.54
C GLU A 28 14.17 -7.58 19.11
C GLU A 28 14.11 -7.58 19.13
N PRO A 29 13.88 -8.63 18.31
CA PRO A 29 14.38 -8.68 16.92
C PRO A 29 13.98 -7.47 16.04
N PHE A 30 12.76 -6.95 16.20
CA PHE A 30 12.32 -5.73 15.46
C PHE A 30 13.23 -4.55 15.88
N ALA A 31 13.52 -4.42 17.17
CA ALA A 31 14.30 -3.28 17.68
C ALA A 31 15.71 -3.39 17.10
N LYS A 32 16.26 -4.61 17.01
CA LYS A 32 17.64 -4.80 16.47
C LYS A 32 17.63 -4.52 14.96
N LEU A 33 16.59 -4.95 14.26
CA LEU A 33 16.49 -4.71 12.80
C LEU A 33 16.47 -3.20 12.54
N GLU A 34 15.72 -2.46 13.34
CA GLU A 34 15.55 -1.03 13.18
C GLU A 34 16.85 -0.31 13.51
N GLN A 35 17.57 -0.80 14.51
CA GLN A 35 18.89 -0.23 14.90
C GLN A 35 19.90 -0.43 13.75
N ASP A 36 19.94 -1.62 13.12
CA ASP A 36 20.84 -1.87 11.97
C ASP A 36 20.41 -0.97 10.81
N PHE A 37 19.13 -0.84 10.57
CA PHE A 37 18.63 0.00 9.45
C PHE A 37 19.00 1.47 9.66
N GLY A 38 18.92 1.95 10.90
CA GLY A 38 19.26 3.35 11.28
C GLY A 38 18.04 4.24 11.20
N GLY A 39 16.83 3.70 11.28
CA GLY A 39 15.63 4.56 11.21
C GLY A 39 14.53 3.92 12.00
N SER A 40 13.31 4.10 11.55
CA SER A 40 12.09 3.57 12.22
C SER A 40 11.41 2.57 11.31
N ILE A 41 11.00 1.44 11.87
CA ILE A 41 10.19 0.44 11.16
C ILE A 41 8.85 0.31 11.86
N GLY A 42 7.77 0.30 11.08
CA GLY A 42 6.39 0.19 11.56
C GLY A 42 5.73 -1.01 10.93
N VAL A 43 5.20 -1.88 11.76
CA VAL A 43 4.61 -3.15 11.26
C VAL A 43 3.31 -3.39 11.99
N TYR A 44 2.33 -3.81 11.21
CA TYR A 44 1.10 -4.43 11.78
C TYR A 44 0.73 -5.60 10.91
N ALA A 45 0.53 -6.75 11.55
CA ALA A 45 0.21 -8.00 10.84
C ALA A 45 -0.96 -8.67 11.59
N MET A 46 -1.95 -9.10 10.82
CA MET A 46 -3.21 -9.71 11.31
C MET A 46 -3.39 -11.11 10.74
N ASP A 47 -3.56 -12.10 11.61
CA ASP A 47 -3.99 -13.46 11.20
C ASP A 47 -5.50 -13.41 11.16
N THR A 48 -6.10 -13.48 9.99
CA THR A 48 -7.56 -13.33 9.81
C THR A 48 -8.32 -14.53 10.35
N GLY A 49 -7.64 -15.63 10.67
CA GLY A 49 -8.30 -16.82 11.25
C GLY A 49 -8.57 -16.60 12.73
N SER A 50 -7.51 -16.41 13.50
CA SER A 50 -7.55 -16.31 14.99
C SER A 50 -7.76 -14.86 15.44
N GLY A 51 -7.39 -13.89 14.61
CA GLY A 51 -7.45 -12.47 15.00
C GLY A 51 -6.21 -12.03 15.75
N ALA A 52 -5.23 -12.95 15.91
CA ALA A 52 -3.88 -12.72 16.46
C ALA A 52 -3.17 -11.62 15.67
N THR A 53 -2.40 -10.75 16.36
CA THR A 53 -1.72 -9.60 15.69
C THR A 53 -0.30 -9.51 16.16
N VAL A 54 0.55 -8.92 15.32
CA VAL A 54 1.93 -8.50 15.67
C VAL A 54 1.97 -7.00 15.41
N SER A 55 2.42 -6.21 16.37
CA SER A 55 2.50 -4.73 16.27
C SER A 55 3.95 -4.34 16.54
N TYR A 56 4.43 -3.32 15.78
CA TYR A 56 5.72 -2.70 16.18
C TYR A 56 5.61 -1.28 15.64
N ARG A 57 5.53 -0.26 16.48
CA ARG A 57 5.30 1.14 16.05
C ARG A 57 4.08 1.19 15.14
N ALA A 58 3.04 0.40 15.45
CA ALA A 58 1.89 0.20 14.58
C ALA A 58 0.99 1.42 14.52
N GLU A 59 1.07 2.30 15.51
CA GLU A 59 0.17 3.47 15.55
C GLU A 59 0.90 4.73 15.16
N GLU A 60 2.21 4.67 14.82
CA GLU A 60 2.92 5.87 14.37
C GLU A 60 2.54 6.15 12.92
N ARG A 61 2.59 7.42 12.53
CA ARG A 61 2.38 7.85 11.14
C ARG A 61 3.65 7.63 10.36
N PHE A 62 3.51 7.10 9.15
CA PHE A 62 4.59 6.99 8.15
C PHE A 62 4.04 7.55 6.86
N PRO A 63 4.90 8.12 6.01
CA PRO A 63 4.48 8.61 4.69
C PRO A 63 3.97 7.46 3.83
N LEU A 64 2.83 7.64 3.17
CA LEU A 64 2.24 6.62 2.28
C LEU A 64 3.07 6.44 1.02
N CYS A 65 3.74 7.47 0.51
CA CYS A 65 4.40 7.41 -0.83
C CYS A 65 3.38 6.80 -1.82
N SER A 66 3.78 5.92 -2.76
CA SER A 66 2.89 5.35 -3.78
C SER A 66 1.86 4.39 -3.19
N SER A 67 1.95 4.01 -1.90
CA SER A 67 1.06 2.97 -1.34
C SER A 67 -0.38 3.44 -1.40
N PHE A 68 -0.62 4.76 -1.47
CA PHE A 68 -2.01 5.26 -1.57
C PHE A 68 -2.68 4.79 -2.86
N LYS A 69 -1.91 4.43 -3.89
CA LYS A 69 -2.49 4.06 -5.21
C LYS A 69 -3.33 2.79 -5.10
N GLY A 70 -3.03 1.86 -4.17
CA GLY A 70 -3.91 0.71 -3.98
C GLY A 70 -5.27 1.14 -3.49
N PHE A 71 -5.33 1.99 -2.45
CA PHE A 71 -6.59 2.52 -1.90
C PHE A 71 -7.35 3.33 -2.98
N LEU A 72 -6.62 4.07 -3.78
CA LEU A 72 -7.18 4.83 -4.93
C LEU A 72 -7.93 3.90 -5.89
N ALA A 73 -7.33 2.76 -6.26
CA ALA A 73 -7.95 1.77 -7.17
C ALA A 73 -9.18 1.19 -6.49
N ALA A 74 -9.09 0.94 -5.18
CA ALA A 74 -10.25 0.43 -4.44
C ALA A 74 -11.37 1.48 -4.42
N ALA A 75 -11.06 2.76 -4.27
CA ALA A 75 -12.07 3.84 -4.28
C ALA A 75 -12.76 3.89 -5.66
N VAL A 76 -11.98 3.74 -6.73
CA VAL A 76 -12.52 3.69 -8.15
C VAL A 76 -13.49 2.50 -8.24
N LEU A 77 -13.07 1.31 -7.82
CA LEU A 77 -13.93 0.10 -7.78
C LEU A 77 -15.20 0.41 -6.98
N ALA A 78 -15.12 1.06 -5.82
CA ALA A 78 -16.31 1.39 -5.00
C ALA A 78 -17.24 2.26 -5.84
N ARG A 79 -16.71 3.26 -6.54
CA ARG A 79 -17.54 4.20 -7.34
C ARG A 79 -18.17 3.43 -8.51
N SER A 80 -17.46 2.43 -9.05
CA SER A 80 -17.97 1.60 -10.18
C SER A 80 -19.25 0.85 -9.76
N GLN A 81 -19.44 0.57 -8.46
CA GLN A 81 -20.69 -0.07 -7.96
C GLN A 81 -21.86 0.90 -8.21
N GLN A 82 -21.64 2.21 -8.10
CA GLN A 82 -22.68 3.26 -8.24
C GLN A 82 -22.82 3.63 -9.72
N GLN A 83 -21.70 3.74 -10.43
CA GLN A 83 -21.65 4.30 -11.81
C GLN A 83 -21.34 3.17 -12.78
N ALA A 84 -22.39 2.56 -13.31
CA ALA A 84 -22.27 1.57 -14.39
C ALA A 84 -21.40 2.19 -15.47
N GLY A 85 -20.48 1.42 -16.00
CA GLY A 85 -19.68 1.85 -17.16
C GLY A 85 -18.41 2.58 -16.75
N LEU A 86 -18.24 2.96 -15.47
CA LEU A 86 -17.07 3.80 -15.07
C LEU A 86 -15.79 3.11 -15.55
N LEU A 87 -15.63 1.82 -15.29
CA LEU A 87 -14.32 1.13 -15.54
C LEU A 87 -13.97 1.15 -17.03
N ASP A 88 -14.98 1.15 -17.91
CA ASP A 88 -14.76 1.09 -19.39
C ASP A 88 -14.59 2.50 -19.96
N THR A 89 -14.67 3.55 -19.17
CA THR A 89 -14.62 4.91 -19.74
C THR A 89 -13.23 5.22 -20.27
N PRO A 90 -13.08 5.65 -21.54
CA PRO A 90 -11.77 6.07 -22.03
C PRO A 90 -11.41 7.44 -21.47
N ILE A 91 -10.14 7.60 -21.13
CA ILE A 91 -9.55 8.84 -20.60
C ILE A 91 -8.40 9.24 -21.51
N ARG A 92 -8.48 10.44 -22.09
CA ARG A 92 -7.43 11.02 -22.94
C ARG A 92 -6.65 12.04 -22.12
N TYR A 93 -5.38 12.16 -22.36
CA TYR A 93 -4.53 13.03 -21.55
C TYR A 93 -3.46 13.59 -22.47
N GLY A 94 -2.96 14.76 -22.11
CA GLY A 94 -1.89 15.45 -22.81
C GLY A 94 -0.55 15.08 -22.26
N LYS A 95 0.49 15.46 -22.96
CA LYS A 95 1.89 15.21 -22.54
C LYS A 95 2.11 15.85 -21.17
N ASN A 96 1.46 16.96 -20.89
CA ASN A 96 1.68 17.68 -19.62
C ASN A 96 1.11 16.86 -18.44
N ALA A 97 0.33 15.79 -18.68
CA ALA A 97 -0.13 14.88 -17.60
C ALA A 97 0.95 13.86 -17.22
N LEU A 98 1.97 13.65 -18.05
CA LEU A 98 2.98 12.58 -17.88
C LEU A 98 4.08 13.00 -16.92
N VAL A 99 3.90 12.74 -15.64
CA VAL A 99 4.96 13.02 -14.65
C VAL A 99 5.93 11.84 -14.63
N PRO A 100 7.13 12.02 -14.07
CA PRO A 100 8.11 10.97 -14.00
C PRO A 100 7.59 9.67 -13.35
N TRP A 101 8.06 8.52 -13.84
CA TRP A 101 7.62 7.14 -13.48
C TRP A 101 6.15 6.99 -13.88
N SER A 102 5.89 7.03 -15.20
CA SER A 102 4.56 6.75 -15.78
C SER A 102 4.74 5.71 -16.90
N PRO A 103 5.23 4.50 -16.57
CA PRO A 103 5.72 3.56 -17.57
C PRO A 103 4.65 2.92 -18.46
N ILE A 104 3.43 2.87 -17.99
CA ILE A 104 2.29 2.40 -18.84
C ILE A 104 1.69 3.60 -19.55
N SER A 105 1.28 4.64 -18.82
CA SER A 105 0.55 5.79 -19.42
C SER A 105 1.36 6.48 -20.51
N GLU A 106 2.70 6.51 -20.44
CA GLU A 106 3.50 7.15 -21.52
C GLU A 106 3.34 6.34 -22.83
N LYS A 107 3.07 5.05 -22.77
CA LYS A 107 2.90 4.18 -23.98
C LYS A 107 1.52 4.37 -24.66
N TYR A 108 0.57 5.01 -23.99
CA TYR A 108 -0.82 5.19 -24.47
C TYR A 108 -1.18 6.68 -24.55
N LEU A 109 -0.17 7.53 -24.54
CA LEU A 109 -0.39 8.99 -24.63
C LEU A 109 -1.19 9.32 -25.87
N THR A 110 -0.88 8.68 -27.00
CA THR A 110 -1.47 9.06 -28.29
C THR A 110 -2.84 8.38 -28.44
N THR A 111 -3.21 7.49 -27.53
CA THR A 111 -4.47 6.72 -27.69
C THR A 111 -5.44 6.95 -26.54
N GLY A 112 -4.94 7.25 -25.34
CA GLY A 112 -5.73 7.21 -24.11
C GLY A 112 -5.85 5.78 -23.55
N MET A 113 -6.38 5.65 -22.34
CA MET A 113 -6.57 4.34 -21.67
C MET A 113 -7.92 4.39 -20.96
N THR A 114 -8.49 3.24 -20.62
CA THR A 114 -9.72 3.20 -19.83
C THR A 114 -9.39 3.46 -18.33
N VAL A 115 -10.41 3.84 -17.56
CA VAL A 115 -10.32 3.95 -16.07
C VAL A 115 -9.76 2.64 -15.48
N ALA A 116 -10.25 1.47 -15.92
CA ALA A 116 -9.80 0.15 -15.43
C ALA A 116 -8.30 0.01 -15.74
N GLU A 117 -7.88 0.41 -16.93
CA GLU A 117 -6.45 0.26 -17.30
C GLU A 117 -5.62 1.22 -16.45
N LEU A 118 -6.07 2.45 -16.23
CA LEU A 118 -5.30 3.42 -15.39
C LEU A 118 -5.17 2.84 -13.96
N SER A 119 -6.25 2.25 -13.45
CA SER A 119 -6.31 1.64 -12.09
C SER A 119 -5.32 0.49 -12.01
N ALA A 120 -5.27 -0.40 -13.02
CA ALA A 120 -4.31 -1.49 -13.05
C ALA A 120 -2.90 -0.91 -13.12
N ALA A 121 -2.65 0.14 -13.91
CA ALA A 121 -1.30 0.70 -14.09
C ALA A 121 -0.84 1.34 -12.76
N ALA A 122 -1.75 2.05 -12.11
CA ALA A 122 -1.54 2.70 -10.80
C ALA A 122 -1.11 1.63 -9.77
N VAL A 123 -1.83 0.53 -9.73
CA VAL A 123 -1.56 -0.58 -8.76
C VAL A 123 -0.31 -1.36 -9.15
N GLN A 124 -0.17 -1.79 -10.40
CA GLN A 124 0.76 -2.89 -10.76
C GLN A 124 2.10 -2.33 -11.24
N TYR A 125 2.12 -1.08 -11.70
CA TYR A 125 3.37 -0.38 -12.10
C TYR A 125 3.60 0.93 -11.31
N SER A 126 2.76 1.25 -10.33
CA SER A 126 2.86 2.51 -9.55
C SER A 126 2.84 3.75 -10.48
N ASP A 127 2.13 3.64 -11.60
CA ASP A 127 2.09 4.70 -12.64
C ASP A 127 1.58 6.05 -12.08
N ASN A 128 2.43 7.09 -12.09
CA ASN A 128 2.14 8.40 -11.45
C ASN A 128 1.09 9.17 -12.22
N ALA A 129 1.20 9.24 -13.55
CA ALA A 129 0.23 9.97 -14.37
C ALA A 129 -1.12 9.28 -14.16
N ALA A 130 -1.16 7.96 -14.16
CA ALA A 130 -2.44 7.23 -14.01
C ALA A 130 -3.04 7.59 -12.63
N ALA A 131 -2.22 7.55 -11.56
CA ALA A 131 -2.68 7.89 -10.21
C ALA A 131 -3.27 9.32 -10.22
N ASN A 132 -2.58 10.31 -10.78
CA ASN A 132 -3.09 11.70 -10.77
C ASN A 132 -4.39 11.82 -11.57
N LEU A 133 -4.50 11.10 -12.67
CA LEU A 133 -5.75 11.15 -13.48
C LEU A 133 -6.90 10.53 -12.69
N LEU A 134 -6.65 9.45 -11.93
CA LEU A 134 -7.74 8.82 -11.16
C LEU A 134 -8.08 9.70 -9.94
N LEU A 135 -7.06 10.32 -9.32
CA LEU A 135 -7.33 11.29 -8.23
C LEU A 135 -8.27 12.41 -8.72
N LYS A 136 -8.06 12.88 -9.93
CA LYS A 136 -8.94 13.92 -10.53
C LYS A 136 -10.35 13.35 -10.61
N GLU A 137 -10.53 12.10 -11.00
CA GLU A 137 -11.90 11.50 -11.15
C GLU A 137 -12.60 11.49 -9.80
N LEU A 138 -11.87 11.29 -8.71
CA LEU A 138 -12.47 11.14 -7.37
C LEU A 138 -12.61 12.47 -6.64
N GLY A 139 -12.21 13.62 -7.19
CA GLY A 139 -12.30 14.87 -6.41
C GLY A 139 -10.99 15.19 -5.68
N GLY A 140 -9.87 14.58 -6.07
CA GLY A 140 -8.54 14.92 -5.55
C GLY A 140 -8.28 14.19 -4.23
N PRO A 141 -7.15 14.53 -3.58
CA PRO A 141 -6.78 13.91 -2.29
C PRO A 141 -7.89 13.88 -1.22
N ALA A 142 -8.68 14.95 -1.12
CA ALA A 142 -9.83 14.99 -0.21
C ALA A 142 -10.87 13.92 -0.57
N GLY A 143 -11.08 13.63 -1.86
CA GLY A 143 -12.04 12.59 -2.26
C GLY A 143 -11.57 11.21 -1.88
N LEU A 144 -10.28 10.93 -2.04
CA LEU A 144 -9.74 9.62 -1.59
C LEU A 144 -9.79 9.52 -0.05
N THR A 145 -9.46 10.60 0.69
CA THR A 145 -9.58 10.65 2.16
C THR A 145 -11.04 10.33 2.51
N ALA A 146 -11.99 10.93 1.80
CA ALA A 146 -13.44 10.72 2.02
C ALA A 146 -13.80 9.25 1.89
N PHE A 147 -13.28 8.57 0.87
CA PHE A 147 -13.57 7.14 0.67
C PHE A 147 -13.05 6.35 1.86
N MET A 148 -11.84 6.67 2.33
CA MET A 148 -11.22 5.92 3.47
C MET A 148 -12.06 6.17 4.74
N ARG A 149 -12.55 7.38 4.96
CA ARG A 149 -13.40 7.65 6.14
C ARG A 149 -14.66 6.76 6.00
N SER A 150 -15.16 6.60 4.79
CA SER A 150 -16.44 5.87 4.48
C SER A 150 -16.32 4.39 4.88
N ILE A 151 -15.11 3.83 4.91
CA ILE A 151 -14.89 2.42 5.35
C ILE A 151 -14.44 2.35 6.81
N GLY A 152 -14.40 3.46 7.55
CA GLY A 152 -14.11 3.45 8.99
C GLY A 152 -12.64 3.74 9.27
N ASP A 153 -11.90 4.24 8.31
CA ASP A 153 -10.44 4.58 8.55
C ASP A 153 -10.35 6.07 8.92
N THR A 154 -10.04 6.40 10.17
CA THR A 154 -9.99 7.80 10.66
C THR A 154 -8.53 8.29 10.68
N THR A 155 -7.61 7.46 10.26
CA THR A 155 -6.16 7.78 10.37
C THR A 155 -5.62 8.30 9.02
N PHE A 156 -5.98 7.59 7.95
CA PHE A 156 -5.49 7.89 6.59
C PHE A 156 -5.69 9.36 6.25
N ARG A 157 -4.65 10.00 5.72
CA ARG A 157 -4.89 11.29 5.02
C ARG A 157 -4.04 11.37 3.78
N LEU A 158 -4.68 11.73 2.69
CA LEU A 158 -3.94 12.23 1.51
C LEU A 158 -4.24 13.71 1.37
N ASP A 159 -3.19 14.47 1.10
CA ASP A 159 -3.20 15.94 1.09
C ASP A 159 -2.77 16.47 -0.25
N ARG A 160 -1.87 15.77 -0.94
CA ARG A 160 -1.20 16.28 -2.15
C ARG A 160 -1.25 15.25 -3.26
N TRP A 161 -0.77 15.66 -4.44
CA TRP A 161 -0.71 14.84 -5.67
C TRP A 161 0.70 14.31 -5.93
N GLU A 162 0.86 13.43 -6.93
CA GLU A 162 2.21 13.00 -7.35
C GLU A 162 2.84 14.19 -8.10
N LEU A 163 4.10 14.58 -7.85
CA LEU A 163 5.06 13.92 -6.99
C LEU A 163 5.19 14.62 -5.61
N GLU A 164 4.46 15.70 -5.36
CA GLU A 164 4.70 16.51 -4.13
C GLU A 164 4.45 15.71 -2.87
N LEU A 165 3.51 14.74 -2.90
CA LEU A 165 3.21 13.91 -1.69
C LEU A 165 4.39 13.05 -1.19
N ASN A 166 5.50 13.00 -1.92
CA ASN A 166 6.66 12.16 -1.56
C ASN A 166 7.66 12.88 -0.65
N SER A 167 7.39 14.10 -0.14
CA SER A 167 8.41 14.91 0.57
C SER A 167 8.87 14.21 1.86
N ALA A 168 8.00 13.47 2.53
CA ALA A 168 8.33 12.62 3.70
C ALA A 168 9.06 13.40 4.80
N ILE A 169 8.66 14.64 5.01
CA ILE A 169 9.29 15.56 5.98
C ILE A 169 9.02 15.01 7.37
N PRO A 170 10.06 14.84 8.20
CA PRO A 170 9.91 14.35 9.57
C PRO A 170 8.89 15.12 10.37
N GLY A 171 7.92 14.45 10.95
CA GLY A 171 6.90 15.11 11.78
C GLY A 171 5.68 15.58 10.98
N ASP A 172 5.76 15.65 9.66
CA ASP A 172 4.66 16.14 8.81
C ASP A 172 3.60 15.02 8.68
N ALA A 173 2.38 15.27 9.16
CA ALA A 173 1.28 14.30 9.03
C ALA A 173 0.68 14.26 7.60
N ARG A 174 0.98 15.19 6.74
CA ARG A 174 0.37 15.15 5.37
C ARG A 174 0.75 13.82 4.69
N ASP A 175 -0.19 13.23 3.97
CA ASP A 175 0.08 12.07 3.08
C ASP A 175 0.69 10.94 3.93
N THR A 176 0.11 10.66 5.10
CA THR A 176 0.53 9.57 6.00
C THR A 176 -0.66 8.72 6.36
N SER A 177 -0.34 7.54 6.87
CA SER A 177 -1.24 6.75 7.71
C SER A 177 -0.38 5.94 8.68
N SER A 178 -1.00 5.05 9.44
CA SER A 178 -0.30 4.13 10.37
C SER A 178 -0.28 2.74 9.78
N PRO A 179 0.72 1.90 10.14
CA PRO A 179 0.69 0.53 9.68
C PRO A 179 -0.63 -0.18 10.07
N ARG A 180 -1.10 0.07 11.30
CA ARG A 180 -2.37 -0.55 11.76
C ARG A 180 -3.55 -0.13 10.90
N ALA A 181 -3.72 1.16 10.62
CA ALA A 181 -4.89 1.59 9.80
C ALA A 181 -4.80 1.06 8.38
N VAL A 182 -3.62 1.01 7.81
CA VAL A 182 -3.41 0.46 6.45
C VAL A 182 -3.83 -1.01 6.42
N THR A 183 -3.38 -1.80 7.38
CA THR A 183 -3.78 -3.24 7.46
C THR A 183 -5.28 -3.36 7.65
N GLU A 184 -5.86 -2.60 8.58
CA GLU A 184 -7.33 -2.68 8.85
C GLU A 184 -8.12 -2.37 7.60
N SER A 185 -7.74 -1.32 6.88
CA SER A 185 -8.45 -0.93 5.64
C SER A 185 -8.21 -1.97 4.54
N LEU A 186 -6.96 -2.44 4.39
CA LEU A 186 -6.66 -3.45 3.39
C LEU A 186 -7.52 -4.72 3.63
N GLN A 187 -7.67 -5.16 4.88
N GLN A 187 -7.67 -5.14 4.88
CA GLN A 187 -8.49 -6.36 5.19
CA GLN A 187 -8.48 -6.35 5.23
C GLN A 187 -9.94 -6.09 4.80
C GLN A 187 -9.93 -6.10 4.83
N LYS A 188 -10.47 -4.91 5.13
CA LYS A 188 -11.87 -4.58 4.84
C LYS A 188 -12.09 -4.68 3.32
N LEU A 189 -11.15 -4.19 2.51
CA LEU A 189 -11.34 -4.03 1.05
C LEU A 189 -11.14 -5.36 0.34
N THR A 190 -10.25 -6.21 0.81
CA THR A 190 -9.76 -7.44 0.10
C THR A 190 -10.52 -8.66 0.61
N LEU A 191 -10.91 -8.67 1.89
CA LEU A 191 -11.46 -9.87 2.59
C LEU A 191 -12.80 -9.58 3.26
N GLY A 192 -13.05 -8.34 3.67
CA GLY A 192 -14.31 -7.96 4.33
C GLY A 192 -15.34 -7.49 3.35
N SER A 193 -16.22 -6.63 3.81
CA SER A 193 -17.48 -6.30 3.08
C SER A 193 -17.48 -4.87 2.52
N ALA A 194 -16.33 -4.18 2.49
CA ALA A 194 -16.26 -2.78 2.05
C ALA A 194 -16.52 -2.66 0.55
N LEU A 195 -16.15 -3.67 -0.25
CA LEU A 195 -16.48 -3.73 -1.70
C LEU A 195 -17.45 -4.88 -1.97
N ALA A 196 -18.27 -4.75 -3.01
CA ALA A 196 -19.12 -5.85 -3.53
C ALA A 196 -18.19 -6.95 -4.06
N ALA A 197 -18.59 -8.22 -3.98
CA ALA A 197 -17.75 -9.40 -4.27
C ALA A 197 -16.95 -9.27 -5.57
N PRO A 198 -17.55 -8.84 -6.71
CA PRO A 198 -16.82 -8.71 -7.97
C PRO A 198 -15.67 -7.69 -7.94
N GLN A 199 -15.97 -6.53 -7.37
CA GLN A 199 -15.02 -5.41 -7.15
C GLN A 199 -13.91 -5.89 -6.21
N ARG A 200 -14.29 -6.64 -5.17
CA ARG A 200 -13.32 -7.18 -4.19
C ARG A 200 -12.33 -8.06 -4.94
N GLN A 201 -12.84 -8.95 -5.81
CA GLN A 201 -11.93 -9.92 -6.47
C GLN A 201 -11.06 -9.15 -7.47
N GLN A 202 -11.58 -8.10 -8.10
CA GLN A 202 -10.79 -7.32 -9.09
C GLN A 202 -9.63 -6.62 -8.35
N PHE A 203 -9.90 -6.12 -7.13
CA PHE A 203 -8.86 -5.42 -6.30
C PHE A 203 -7.78 -6.42 -5.96
N VAL A 204 -8.18 -7.59 -5.45
CA VAL A 204 -7.24 -8.71 -5.16
C VAL A 204 -6.42 -9.02 -6.41
N ASP A 205 -7.07 -9.16 -7.55
CA ASP A 205 -6.36 -9.58 -8.81
C ASP A 205 -5.36 -8.50 -9.22
N TRP A 206 -5.68 -7.23 -9.05
CA TRP A 206 -4.72 -6.13 -9.34
C TRP A 206 -3.54 -6.23 -8.40
N LEU A 207 -3.76 -6.41 -7.09
CA LEU A 207 -2.66 -6.52 -6.10
C LEU A 207 -1.80 -7.75 -6.45
N LYS A 208 -2.44 -8.89 -6.74
CA LYS A 208 -1.71 -10.13 -7.13
C LYS A 208 -0.78 -9.89 -8.31
N GLY A 209 -1.20 -9.08 -9.28
CA GLY A 209 -0.40 -8.81 -10.49
C GLY A 209 0.62 -7.69 -10.33
N ASN A 210 0.75 -7.11 -9.13
CA ASN A 210 1.78 -6.07 -8.90
C ASN A 210 3.17 -6.53 -9.34
N THR A 211 3.91 -5.66 -10.04
CA THR A 211 5.27 -5.95 -10.58
C THR A 211 6.38 -5.32 -9.75
N THR A 212 6.09 -4.43 -8.78
CA THR A 212 7.14 -3.56 -8.15
C THR A 212 7.60 -4.06 -6.78
N GLY A 213 7.04 -5.16 -6.28
CA GLY A 213 7.18 -5.62 -4.90
C GLY A 213 7.98 -6.91 -4.73
N ASN A 214 8.71 -7.38 -5.74
CA ASN A 214 9.38 -8.72 -5.64
C ASN A 214 10.44 -8.78 -4.54
N HIS A 215 11.00 -7.64 -4.10
CA HIS A 215 12.09 -7.60 -3.12
C HIS A 215 11.57 -7.18 -1.74
N ARG A 216 10.25 -7.14 -1.51
CA ARG A 216 9.68 -6.62 -0.25
C ARG A 216 8.95 -7.76 0.44
N ILE A 217 7.67 -7.60 0.77
CA ILE A 217 6.89 -8.64 1.50
C ILE A 217 7.06 -9.98 0.74
N ARG A 218 6.91 -9.96 -0.58
CA ARG A 218 6.99 -11.17 -1.47
C ARG A 218 8.27 -11.95 -1.22
N ALA A 219 9.38 -11.30 -0.94
CA ALA A 219 10.69 -11.94 -0.71
C ALA A 219 10.64 -12.76 0.59
N ALA A 220 9.66 -12.52 1.46
CA ALA A 220 9.51 -13.26 2.73
C ALA A 220 8.47 -14.40 2.59
N VAL A 221 7.82 -14.55 1.45
CA VAL A 221 6.64 -15.48 1.25
C VAL A 221 7.02 -16.65 0.34
N PRO A 222 6.79 -17.92 0.78
CA PRO A 222 6.99 -19.10 -0.07
C PRO A 222 6.27 -19.04 -1.43
N ALA A 223 6.90 -19.64 -2.46
CA ALA A 223 6.45 -19.59 -3.88
C ALA A 223 5.08 -20.27 -4.03
N ASP A 224 4.71 -21.15 -3.09
CA ASP A 224 3.42 -21.89 -3.17
C ASP A 224 2.32 -21.12 -2.43
N TRP A 225 2.56 -19.87 -1.98
CA TRP A 225 1.50 -19.02 -1.37
C TRP A 225 1.15 -17.88 -2.32
N ALA A 226 -0.13 -17.57 -2.43
CA ALA A 226 -0.60 -16.39 -3.18
C ALA A 226 -0.34 -15.11 -2.36
N VAL A 227 -0.02 -14.02 -3.06
CA VAL A 227 0.18 -12.71 -2.39
C VAL A 227 -0.17 -11.63 -3.37
N GLY A 228 -0.83 -10.61 -2.84
CA GLY A 228 -1.04 -9.34 -3.55
C GLY A 228 -0.45 -8.19 -2.72
N ASP A 229 0.18 -7.21 -3.36
CA ASP A 229 0.88 -6.17 -2.57
C ASP A 229 0.81 -4.85 -3.34
N LYS A 230 1.03 -3.78 -2.59
CA LYS A 230 1.32 -2.44 -3.16
C LYS A 230 2.51 -1.83 -2.44
N THR A 231 3.49 -1.36 -3.21
CA THR A 231 4.69 -0.71 -2.68
C THR A 231 4.52 0.80 -2.58
N GLY A 232 5.44 1.44 -1.85
CA GLY A 232 5.64 2.89 -1.84
C GLY A 232 7.10 3.20 -1.61
N THR A 233 7.65 4.13 -2.36
CA THR A 233 9.06 4.57 -2.18
C THR A 233 9.12 6.08 -2.40
N CYS A 234 9.35 6.88 -1.37
CA CYS A 234 9.32 8.35 -1.43
C CYS A 234 10.63 8.87 -2.04
N GLY A 235 11.73 8.14 -1.94
CA GLY A 235 13.00 8.62 -2.53
C GLY A 235 13.86 9.44 -1.59
N VAL A 236 13.40 9.69 -0.37
CA VAL A 236 14.08 10.53 0.64
C VAL A 236 13.80 9.96 2.02
N TYR A 237 14.59 10.39 3.00
CA TYR A 237 14.31 10.15 4.45
C TYR A 237 14.12 8.63 4.71
N GLY A 238 14.87 7.79 3.99
CA GLY A 238 14.84 6.32 4.19
C GLY A 238 13.43 5.78 4.17
N THR A 239 12.57 6.36 3.38
CA THR A 239 11.10 6.11 3.51
C THR A 239 10.62 5.23 2.36
N ALA A 240 10.14 4.02 2.69
CA ALA A 240 9.57 3.09 1.69
C ALA A 240 8.71 2.12 2.47
N ASN A 241 7.87 1.42 1.75
CA ASN A 241 6.85 0.60 2.41
C ASN A 241 6.27 -0.43 1.45
N ASP A 242 5.44 -1.29 2.03
CA ASP A 242 4.71 -2.31 1.27
C ASP A 242 3.60 -2.79 2.17
N TYR A 243 2.47 -3.05 1.58
CA TYR A 243 1.39 -3.78 2.27
C TYR A 243 0.95 -4.93 1.39
N ALA A 244 0.41 -5.97 2.01
CA ALA A 244 0.07 -7.22 1.31
C ALA A 244 -1.03 -8.00 2.04
N VAL A 245 -1.73 -8.77 1.23
CA VAL A 245 -2.50 -9.94 1.68
C VAL A 245 -1.74 -11.17 1.20
N VAL A 246 -1.57 -12.08 2.11
CA VAL A 246 -0.84 -13.34 1.88
C VAL A 246 -1.86 -14.46 2.18
N TRP A 247 -1.96 -15.46 1.28
CA TRP A 247 -2.83 -16.64 1.46
C TRP A 247 -1.94 -17.89 1.66
N PRO A 248 -1.38 -18.16 2.93
CA PRO A 248 -0.69 -19.41 3.23
C PRO A 248 -1.61 -20.56 2.85
N THR A 249 -1.04 -21.70 2.44
CA THR A 249 -1.86 -22.91 2.23
C THR A 249 -2.34 -23.39 3.57
N GLY A 250 -3.59 -23.83 3.62
CA GLY A 250 -4.09 -24.60 4.77
C GLY A 250 -4.42 -23.75 5.97
N ARG A 251 -4.39 -22.42 5.84
CA ARG A 251 -4.82 -21.54 6.95
C ARG A 251 -5.36 -20.24 6.36
N ALA A 252 -5.97 -19.42 7.23
CA ALA A 252 -6.63 -18.18 6.83
C ALA A 252 -5.56 -17.21 6.32
N PRO A 253 -5.95 -16.25 5.47
CA PRO A 253 -5.04 -15.21 5.00
C PRO A 253 -4.52 -14.31 6.12
N ILE A 254 -3.33 -13.77 5.86
CA ILE A 254 -2.62 -12.78 6.69
C ILE A 254 -2.67 -11.43 5.95
N VAL A 255 -2.93 -10.36 6.67
CA VAL A 255 -2.85 -8.99 6.10
C VAL A 255 -1.76 -8.28 6.89
N LEU A 256 -0.86 -7.58 6.23
CA LEU A 256 0.26 -6.93 6.92
C LEU A 256 0.71 -5.71 6.14
N ALA A 257 1.27 -4.80 6.91
CA ALA A 257 1.80 -3.52 6.42
C ALA A 257 3.19 -3.33 7.01
N VAL A 258 4.15 -2.94 6.17
CA VAL A 258 5.54 -2.66 6.65
C VAL A 258 5.95 -1.30 6.09
N TYR A 259 6.18 -0.32 6.98
CA TYR A 259 6.56 1.07 6.63
C TYR A 259 7.89 1.41 7.29
N THR A 260 8.72 2.20 6.60
CA THR A 260 9.99 2.69 7.17
C THR A 260 10.10 4.18 6.93
N ARG A 261 10.82 4.84 7.83
N ARG A 261 10.81 4.84 7.84
CA ARG A 261 11.37 6.18 7.60
CA ARG A 261 11.36 6.19 7.60
C ARG A 261 12.71 6.26 8.32
C ARG A 261 12.64 6.33 8.41
N ALA A 262 13.39 7.38 8.14
CA ALA A 262 14.68 7.64 8.79
C ALA A 262 14.84 9.14 8.93
N PRO A 263 15.74 9.58 9.83
CA PRO A 263 15.79 10.98 10.23
C PRO A 263 16.38 11.95 9.20
N ASN A 264 17.29 11.50 8.33
CA ASN A 264 18.06 12.40 7.43
C ASN A 264 17.52 12.30 6.04
N LYS A 265 17.53 13.42 5.33
CA LYS A 265 16.93 13.44 3.99
C LYS A 265 17.66 12.44 3.07
N ASP A 266 18.97 12.33 3.19
N ASP A 266 18.98 12.35 3.26
CA ASP A 266 19.76 11.49 2.24
CA ASP A 266 19.91 11.58 2.42
C ASP A 266 19.97 10.08 2.82
C ASP A 266 19.87 10.10 2.77
N ASP A 267 19.29 9.71 3.91
CA ASP A 267 19.16 8.28 4.32
C ASP A 267 18.49 7.49 3.19
N LYS A 268 19.03 6.32 2.91
CA LYS A 268 18.51 5.41 1.87
C LYS A 268 17.49 4.45 2.47
N HIS A 269 16.47 4.15 1.72
CA HIS A 269 15.53 3.07 2.11
C HIS A 269 16.24 1.74 1.88
N SER A 270 15.65 0.68 2.35
CA SER A 270 16.18 -0.70 2.20
C SER A 270 15.03 -1.64 1.94
N GLU A 271 15.02 -2.29 0.78
CA GLU A 271 14.00 -3.31 0.48
C GLU A 271 14.31 -4.54 1.36
N ALA A 272 15.60 -4.83 1.60
CA ALA A 272 15.99 -5.98 2.43
C ALA A 272 15.40 -5.82 3.85
N VAL A 273 15.36 -4.59 4.38
CA VAL A 273 14.85 -4.35 5.74
C VAL A 273 13.33 -4.63 5.71
N ILE A 274 12.63 -4.20 4.67
CA ILE A 274 11.15 -4.48 4.58
C ILE A 274 10.90 -6.00 4.54
N ALA A 275 11.63 -6.73 3.71
CA ALA A 275 11.49 -8.20 3.62
C ALA A 275 11.80 -8.84 4.98
N ALA A 276 12.86 -8.42 5.66
CA ALA A 276 13.26 -8.93 7.00
C ALA A 276 12.14 -8.68 8.03
N ALA A 277 11.52 -7.49 7.98
CA ALA A 277 10.43 -7.08 8.89
C ALA A 277 9.21 -7.98 8.63
N ALA A 278 8.89 -8.24 7.35
CA ALA A 278 7.78 -9.10 6.95
C ALA A 278 8.05 -10.53 7.49
N ARG A 279 9.27 -11.02 7.29
CA ARG A 279 9.67 -12.35 7.86
C ARG A 279 9.38 -12.39 9.36
N LEU A 280 9.84 -11.39 10.13
CA LEU A 280 9.63 -11.32 11.61
C LEU A 280 8.14 -11.29 11.95
N ALA A 281 7.31 -10.56 11.21
CA ALA A 281 5.86 -10.50 11.48
C ALA A 281 5.24 -11.87 11.31
N LEU A 282 5.60 -12.57 10.24
CA LEU A 282 5.04 -13.91 9.92
C LEU A 282 5.54 -14.89 11.00
N GLU A 283 6.80 -14.80 11.41
CA GLU A 283 7.37 -15.68 12.47
C GLU A 283 6.62 -15.45 13.76
N GLY A 284 6.28 -14.20 14.04
CA GLY A 284 5.56 -13.80 15.26
C GLY A 284 4.15 -14.38 15.25
N LEU A 285 3.51 -14.41 14.08
CA LEU A 285 2.13 -14.97 13.91
C LEU A 285 2.17 -16.52 13.91
N GLY A 286 3.37 -17.11 13.86
CA GLY A 286 3.57 -18.55 13.88
C GLY A 286 3.32 -19.14 12.51
N VAL A 287 3.37 -18.33 11.45
CA VAL A 287 3.16 -18.87 10.09
C VAL A 287 4.51 -19.41 9.62
N ASN A 288 4.57 -20.73 9.42
CA ASN A 288 5.75 -21.46 8.88
C ASN A 288 5.76 -21.27 7.35
C10 A1A14 B . 10.40 2.89 -6.64
C15 A1A14 B . 10.60 5.31 -7.12
C11 A1A14 B . 11.76 2.90 -6.26
C12 A1A14 B . 12.45 4.12 -6.33
C14 A1A14 B . 11.91 5.31 -6.76
C01 A1A14 B . 6.33 5.51 -8.40
C02 A1A14 B . 7.80 5.37 -7.95
C03 A1A14 B . 8.41 4.09 -7.49
C04 A1A14 B . 7.65 2.73 -7.39
P05 A1A14 B . 7.02 2.59 -5.72
O06 A1A14 B . 7.89 1.67 -4.86
O07 A1A14 B . 5.68 1.86 -5.78
O08 A1A14 B . 6.76 4.00 -5.15
C09 A1A14 B . 9.86 4.08 -7.05
BR13 A1A14 B . 14.33 4.23 -5.78
N16 A1A14 B . 10.01 6.60 -7.61
C17 A1A14 B . 10.83 7.85 -7.62
C18 A1A14 B . 10.86 8.46 -6.19
C19 A1A14 B . 9.47 9.07 -5.70
C20 A1A14 B . 9.38 10.25 -6.41
C21 A1A14 B . 10.92 10.64 -6.95
C22 A1A14 B . 11.77 9.78 -6.31
C23 A1A14 B . 8.63 6.63 -8.02
O24 A1A14 B . 8.14 7.64 -8.40
S SO4 C . -6.82 18.81 1.55
O1 SO4 C . -6.76 20.26 1.45
O2 SO4 C . -8.20 18.40 1.59
O3 SO4 C . -6.20 18.20 0.38
O4 SO4 C . -6.15 18.37 2.75
C1 GOL D . -8.86 -14.88 -3.00
O1 GOL D . -10.01 -14.54 -3.75
C2 GOL D . -7.84 -15.54 -3.89
O2 GOL D . -7.90 -14.88 -5.16
C3 GOL D . -6.45 -15.54 -3.30
O3 GOL D . -5.49 -16.21 -4.10
C1 GOL E . 18.36 -2.11 -1.05
O1 GOL E . 17.05 -1.56 -1.20
C2 GOL E . 18.48 -2.81 0.28
O2 GOL E . 17.82 -4.07 0.20
C3 GOL E . 19.91 -2.98 0.77
O3 GOL E . 20.56 -4.11 0.18
S SO4 F . 18.90 -6.80 6.80
O1 SO4 F . 19.52 -5.89 5.86
O2 SO4 F . 19.17 -8.16 6.41
O3 SO4 F . 19.44 -6.56 8.11
O4 SO4 F . 17.48 -6.59 6.81
S SO4 G . 20.08 4.38 6.27
O1 SO4 G . 20.55 5.38 5.32
O2 SO4 G . 20.35 3.06 5.74
O3 SO4 G . 20.79 4.55 7.51
O4 SO4 G . 18.64 4.52 6.52
#